data_3DKG
#
_entry.id   3DKG
#
_cell.length_a   42.972
_cell.length_b   46.452
_cell.length_c   159.236
_cell.angle_alpha   90.000
_cell.angle_beta   90.000
_cell.angle_gamma   90.000
#
_symmetry.space_group_name_H-M   'P 21 21 21'
#
loop_
_entity.id
_entity.type
_entity.pdbx_description
1 polymer 'Hepatocyte growth factor receptor'
2 non-polymer 'CHLORIDE ION'
3 non-polymer 6-{[6-(1-methyl-1H-pyrazol-4-yl)[1,2,4]triazolo[4,3-b]pyridazin-3-yl]sulfanyl}quinoline
4 water water
#
_entity_poly.entity_id   1
_entity_poly.type   'polypeptide(L)'
_entity_poly.pdbx_seq_one_letter_code
;GSLNTVHIDLSALNPELVQAVQHVVIGPSSLIVHFNEVIGRGHFGCVYHGTLLDNDGKKIHCAVKSLNRITDIGEVSQFL
TEGIIMKDFSHPNVLSLLGICLRSEGSPLVVLPYMKHGDLRNFIRNETHNPTVKDLIGFGLQVAKGMKFLASKKFVHRDL
AARNCMLDEKFTVKVADFGLARDMLDKEFDSVHNKTGAKLPVKWMALESLQTQKFTTKSDVWSFGVLLWELMTRGAPPYP
DVNTFDITVYLLQGRRLLQPEYCPDPLYEVMLKCWHPKAEMRPSFSELVSRISAIFSTFIGEHYVHVNATYVNVKEG
;
_entity_poly.pdbx_strand_id   A
#
loop_
_chem_comp.id
_chem_comp.type
_chem_comp.name
_chem_comp.formula
CL non-polymer 'CHLORIDE ION' 'Cl -1'
SX8 non-polymer 6-{[6-(1-methyl-1H-pyrazol-4-yl)[1,2,4]triazolo[4,3-b]pyridazin-3-yl]sulfanyl}quinoline 'C18 H13 N7 S'
#
# COMPACT_ATOMS: atom_id res chain seq x y z
N THR A 5 -29.85 -4.18 -12.78
CA THR A 5 -31.00 -5.13 -12.61
C THR A 5 -30.78 -6.50 -13.28
N VAL A 6 -29.58 -6.72 -13.83
CA VAL A 6 -29.28 -7.98 -14.51
C VAL A 6 -29.19 -9.15 -13.53
N HIS A 7 -29.86 -10.25 -13.90
CA HIS A 7 -29.78 -11.50 -13.15
C HIS A 7 -28.49 -12.24 -13.49
N ILE A 8 -27.82 -12.75 -12.46
CA ILE A 8 -26.69 -13.66 -12.67
C ILE A 8 -26.88 -14.97 -11.92
N ASP A 9 -26.69 -16.06 -12.66
CA ASP A 9 -26.67 -17.42 -12.10
C ASP A 9 -25.20 -17.81 -11.99
N LEU A 10 -24.73 -17.95 -10.75
CA LEU A 10 -23.32 -18.28 -10.49
C LEU A 10 -22.96 -19.71 -10.86
N SER A 11 -23.97 -20.59 -10.96
CA SER A 11 -23.74 -21.98 -11.38
C SER A 11 -23.20 -22.08 -12.81
N ALA A 12 -23.27 -20.98 -13.57
CA ALA A 12 -22.65 -20.91 -14.91
C ALA A 12 -21.11 -20.80 -14.87
N LEU A 13 -20.53 -20.79 -13.67
CA LEU A 13 -19.08 -20.69 -13.51
C LEU A 13 -18.40 -22.03 -13.82
N ASN A 14 -17.17 -21.96 -14.34
CA ASN A 14 -16.36 -23.14 -14.61
C ASN A 14 -16.02 -23.90 -13.33
N PRO A 15 -16.44 -25.18 -13.25
CA PRO A 15 -16.24 -26.02 -12.05
C PRO A 15 -14.77 -26.15 -11.59
N GLU A 16 -13.83 -26.05 -12.52
CA GLU A 16 -12.39 -26.08 -12.19
C GLU A 16 -11.96 -24.84 -11.40
N LEU A 17 -12.42 -23.67 -11.83
CA LEU A 17 -12.09 -22.41 -11.17
C LEU A 17 -12.79 -22.29 -9.80
N VAL A 18 -14.04 -22.73 -9.75
CA VAL A 18 -14.80 -22.79 -8.48
C VAL A 18 -14.12 -23.69 -7.46
N GLN A 19 -13.59 -24.84 -7.91
CA GLN A 19 -12.81 -25.72 -7.06
C GLN A 19 -11.50 -25.05 -6.60
N ALA A 20 -10.84 -24.38 -7.53
CA ALA A 20 -9.54 -23.72 -7.29
C ALA A 20 -9.61 -22.54 -6.32
N VAL A 21 -10.78 -21.91 -6.22
CA VAL A 21 -10.98 -20.74 -5.38
C VAL A 21 -11.54 -21.08 -3.98
N GLN A 22 -11.82 -22.37 -3.74
CA GLN A 22 -12.45 -22.79 -2.49
C GLN A 22 -11.70 -22.43 -1.21
N HIS A 23 -10.37 -22.48 -1.27
CA HIS A 23 -9.50 -22.13 -0.13
C HIS A 23 -9.44 -20.62 0.13
N VAL A 24 -9.99 -19.83 -0.80
CA VAL A 24 -10.08 -18.39 -0.65
C VAL A 24 -11.47 -18.02 -0.14
N VAL A 25 -12.45 -18.90 -0.40
CA VAL A 25 -13.85 -18.64 -0.06
C VAL A 25 -14.12 -18.79 1.45
N ILE A 26 -14.82 -17.80 2.01
CA ILE A 26 -15.24 -17.84 3.40
C ILE A 26 -16.70 -18.23 3.50
N GLY A 27 -16.97 -19.28 4.27
CA GLY A 27 -18.34 -19.76 4.50
C GLY A 27 -19.24 -18.70 5.10
N PRO A 28 -20.52 -18.65 4.67
CA PRO A 28 -21.51 -17.68 5.12
C PRO A 28 -21.75 -17.70 6.65
N SER A 29 -21.45 -18.83 7.28
CA SER A 29 -21.58 -18.97 8.73
C SER A 29 -20.25 -18.77 9.46
N SER A 30 -19.21 -18.39 8.72
CA SER A 30 -17.88 -18.15 9.29
C SER A 30 -17.59 -16.66 9.49
N LEU A 31 -18.38 -15.81 8.84
CA LEU A 31 -18.21 -14.36 8.88
C LEU A 31 -19.48 -13.60 9.23
N ILE A 32 -19.43 -12.86 10.34
CA ILE A 32 -20.53 -11.99 10.75
C ILE A 32 -20.24 -10.54 10.38
N VAL A 33 -20.76 -10.10 9.24
CA VAL A 33 -20.52 -8.74 8.76
C VAL A 33 -21.39 -7.72 9.49
N HIS A 34 -20.75 -6.81 10.22
CA HIS A 34 -21.45 -5.77 10.96
C HIS A 34 -21.79 -4.57 10.05
N PHE A 35 -22.81 -4.76 9.22
CA PHE A 35 -23.31 -3.70 8.32
C PHE A 35 -23.73 -2.43 9.07
N ASN A 36 -23.97 -2.57 10.38
CA ASN A 36 -24.27 -1.46 11.26
C ASN A 36 -23.03 -0.60 11.56
N GLU A 37 -21.87 -1.25 11.62
CA GLU A 37 -20.61 -0.59 11.93
C GLU A 37 -19.80 -0.32 10.65
N VAL A 38 -19.89 0.92 10.16
CA VAL A 38 -19.28 1.28 8.87
C VAL A 38 -17.93 1.94 9.07
N ILE A 39 -16.91 1.42 8.38
CA ILE A 39 -15.58 2.02 8.35
C ILE A 39 -15.49 2.99 7.18
N CYS A 46 -16.83 0.93 -0.14
CA CYS A 46 -17.60 0.84 1.10
C CYS A 46 -17.11 -0.31 1.99
N VAL A 47 -16.63 0.03 3.19
CA VAL A 47 -16.00 -0.93 4.09
C VAL A 47 -16.72 -1.01 5.45
N TYR A 48 -16.95 -2.23 5.92
CA TYR A 48 -17.58 -2.48 7.22
C TYR A 48 -16.69 -3.31 8.13
N HIS A 49 -16.87 -3.16 9.43
CA HIS A 49 -16.29 -4.07 10.41
C HIS A 49 -16.88 -5.47 10.22
N GLY A 50 -16.07 -6.50 10.44
CA GLY A 50 -16.52 -7.87 10.35
C GLY A 50 -15.90 -8.75 11.41
N THR A 51 -16.45 -9.94 11.59
CA THR A 51 -15.90 -10.93 12.52
C THR A 51 -15.68 -12.24 11.78
N LEU A 52 -14.54 -12.86 12.02
CA LEU A 52 -14.18 -14.12 11.38
C LEU A 52 -13.82 -15.15 12.43
N LEU A 53 -14.19 -16.41 12.18
CA LEU A 53 -13.91 -17.50 13.12
C LEU A 53 -12.74 -18.38 12.67
N ASP A 54 -11.89 -18.77 13.63
CA ASP A 54 -10.75 -19.65 13.36
C ASP A 54 -10.47 -20.55 14.57
N LYS A 58 -11.95 -19.13 17.18
CA LYS A 58 -11.20 -17.91 17.45
C LYS A 58 -11.80 -16.70 16.71
N LYS A 59 -12.23 -15.69 17.48
CA LYS A 59 -12.82 -14.47 16.92
C LYS A 59 -11.75 -13.52 16.36
N ILE A 60 -11.86 -13.22 15.07
CA ILE A 60 -10.90 -12.36 14.36
C ILE A 60 -11.59 -11.12 13.80
N HIS A 61 -11.09 -9.96 14.19
CA HIS A 61 -11.61 -8.67 13.70
C HIS A 61 -11.11 -8.42 12.27
N CYS A 62 -12.01 -8.10 11.35
CA CYS A 62 -11.64 -7.90 9.96
C CYS A 62 -12.33 -6.72 9.28
N ALA A 63 -11.76 -6.27 8.17
CA ALA A 63 -12.37 -5.23 7.35
C ALA A 63 -12.99 -5.90 6.14
N VAL A 64 -14.28 -5.63 5.94
CA VAL A 64 -15.03 -6.26 4.88
C VAL A 64 -15.39 -5.20 3.86
N LYS A 65 -14.75 -5.30 2.69
CA LYS A 65 -14.98 -4.37 1.60
C LYS A 65 -16.08 -4.93 0.71
N SER A 66 -17.20 -4.20 0.67
CA SER A 66 -18.36 -4.56 -0.13
C SER A 66 -18.31 -3.91 -1.51
N LEU A 67 -17.97 -4.71 -2.52
CA LEU A 67 -17.83 -4.25 -3.89
C LEU A 67 -19.20 -4.06 -4.55
N ASN A 68 -19.21 -3.39 -5.70
CA ASN A 68 -20.41 -3.34 -6.52
C ASN A 68 -20.76 -4.73 -7.05
N ARG A 69 -22.05 -4.96 -7.28
CA ARG A 69 -22.56 -6.24 -7.79
C ARG A 69 -21.95 -6.56 -9.16
N ILE A 70 -21.46 -7.79 -9.33
CA ILE A 70 -20.86 -8.24 -10.59
C ILE A 70 -21.84 -9.18 -11.29
N THR A 71 -22.27 -8.79 -12.49
CA THR A 71 -23.32 -9.53 -13.21
C THR A 71 -22.83 -10.18 -14.51
N ASP A 72 -21.52 -10.16 -14.74
CA ASP A 72 -20.91 -10.85 -15.89
C ASP A 72 -20.05 -12.01 -15.38
N ILE A 73 -20.28 -13.20 -15.94
CA ILE A 73 -19.58 -14.42 -15.51
C ILE A 73 -18.06 -14.38 -15.75
N GLY A 74 -17.64 -13.67 -16.80
CA GLY A 74 -16.22 -13.46 -17.10
C GLY A 74 -15.55 -12.53 -16.10
N GLU A 75 -16.29 -11.51 -15.65
CA GLU A 75 -15.82 -10.60 -14.61
C GLU A 75 -15.75 -11.31 -13.26
N VAL A 76 -16.76 -12.13 -12.98
CA VAL A 76 -16.78 -12.96 -11.78
C VAL A 76 -15.55 -13.88 -11.80
N SER A 77 -15.24 -14.40 -12.99
CA SER A 77 -14.10 -15.29 -13.19
C SER A 77 -12.76 -14.61 -12.90
N GLN A 78 -12.62 -13.36 -13.36
CA GLN A 78 -11.43 -12.55 -13.11
C GLN A 78 -11.29 -12.15 -11.64
N PHE A 79 -12.41 -11.95 -10.97
CA PHE A 79 -12.48 -11.66 -9.54
C PHE A 79 -11.96 -12.83 -8.71
N LEU A 80 -12.41 -14.04 -9.07
CA LEU A 80 -11.97 -15.27 -8.41
C LEU A 80 -10.50 -15.59 -8.67
N THR A 81 -10.03 -15.29 -9.89
CA THR A 81 -8.62 -15.49 -10.28
C THR A 81 -7.66 -14.52 -9.57
N GLU A 82 -8.06 -13.25 -9.45
CA GLU A 82 -7.29 -12.26 -8.68
C GLU A 82 -7.19 -12.69 -7.22
N GLY A 83 -8.33 -13.16 -6.68
CA GLY A 83 -8.39 -13.68 -5.31
C GLY A 83 -7.41 -14.80 -5.04
N ILE A 84 -7.25 -15.70 -6.01
CA ILE A 84 -6.32 -16.83 -5.88
C ILE A 84 -4.86 -16.37 -5.86
N ILE A 85 -4.51 -15.47 -6.77
CA ILE A 85 -3.14 -14.94 -6.87
C ILE A 85 -2.80 -14.12 -5.62
N MET A 86 -3.71 -13.23 -5.22
CA MET A 86 -3.51 -12.38 -4.04
C MET A 86 -3.42 -13.18 -2.73
N LYS A 87 -4.13 -14.30 -2.67
CA LYS A 87 -4.10 -15.19 -1.51
C LYS A 87 -2.67 -15.68 -1.19
N ASP A 88 -1.85 -15.83 -2.23
CA ASP A 88 -0.46 -16.27 -2.06
C ASP A 88 0.57 -15.12 -1.88
N PHE A 89 0.10 -13.89 -1.80
CA PHE A 89 0.98 -12.73 -1.54
C PHE A 89 1.11 -12.52 -0.03
N SER A 90 1.76 -13.49 0.62
CA SER A 90 1.87 -13.59 2.08
C SER A 90 3.21 -13.11 2.65
N HIS A 91 3.17 -12.02 3.39
CA HIS A 91 4.38 -11.39 3.96
C HIS A 91 3.95 -10.44 5.12
N PRO A 92 4.76 -10.37 6.19
CA PRO A 92 4.40 -9.52 7.33
C PRO A 92 4.20 -8.01 7.03
N ASN A 93 4.76 -7.52 5.92
CA ASN A 93 4.62 -6.10 5.55
C ASN A 93 3.77 -5.85 4.30
N VAL A 94 2.87 -6.79 4.00
CA VAL A 94 1.98 -6.71 2.85
C VAL A 94 0.59 -7.08 3.37
N LEU A 95 -0.43 -6.30 3.05
CA LEU A 95 -1.80 -6.61 3.47
C LEU A 95 -2.27 -7.94 2.88
N SER A 96 -2.69 -8.86 3.75
CA SER A 96 -3.14 -10.17 3.32
C SER A 96 -4.63 -10.19 2.93
N LEU A 97 -4.96 -11.06 1.98
CA LEU A 97 -6.36 -11.38 1.73
C LEU A 97 -6.76 -12.50 2.69
N LEU A 98 -7.71 -12.22 3.57
CA LEU A 98 -8.24 -13.27 4.45
C LEU A 98 -9.15 -14.22 3.67
N GLY A 99 -9.90 -13.66 2.72
CA GLY A 99 -10.74 -14.44 1.81
C GLY A 99 -11.79 -13.59 1.12
N ILE A 100 -12.65 -14.25 0.35
CA ILE A 100 -13.70 -13.58 -0.42
C ILE A 100 -15.05 -14.27 -0.24
N CYS A 101 -16.12 -13.49 -0.35
CA CYS A 101 -17.47 -14.03 -0.43
C CYS A 101 -18.13 -13.51 -1.68
N LEU A 102 -18.84 -14.39 -2.37
CA LEU A 102 -19.68 -14.01 -3.49
C LEU A 102 -21.10 -14.45 -3.19
N ARG A 103 -21.93 -13.48 -2.82
CA ARG A 103 -23.32 -13.72 -2.44
C ARG A 103 -24.17 -14.01 -3.67
N SER A 104 -25.41 -14.44 -3.44
CA SER A 104 -26.37 -14.66 -4.50
C SER A 104 -26.57 -13.36 -5.29
N GLU A 105 -26.65 -13.51 -6.62
CA GLU A 105 -26.78 -12.38 -7.55
C GLU A 105 -25.47 -11.59 -7.79
N GLY A 106 -24.34 -12.18 -7.41
CA GLY A 106 -23.03 -11.62 -7.72
C GLY A 106 -22.56 -10.47 -6.84
N SER A 107 -22.99 -10.44 -5.59
CA SER A 107 -22.59 -9.38 -4.65
C SER A 107 -21.34 -9.80 -3.85
N PRO A 108 -20.18 -9.23 -4.20
CA PRO A 108 -18.89 -9.65 -3.66
C PRO A 108 -18.49 -8.98 -2.33
N LEU A 109 -17.86 -9.77 -1.47
CA LEU A 109 -17.23 -9.24 -0.26
C LEU A 109 -15.74 -9.59 -0.31
N VAL A 110 -14.90 -8.61 0.02
CA VAL A 110 -13.46 -8.85 0.14
C VAL A 110 -13.08 -8.69 1.61
N VAL A 111 -12.54 -9.77 2.18
CA VAL A 111 -12.23 -9.80 3.61
C VAL A 111 -10.73 -9.60 3.86
N LEU A 112 -10.43 -8.51 4.55
CA LEU A 112 -9.06 -8.05 4.81
C LEU A 112 -8.90 -7.92 6.33
N PRO A 113 -7.66 -8.04 6.83
CA PRO A 113 -7.45 -7.94 8.27
C PRO A 113 -7.75 -6.51 8.70
N TYR A 114 -8.33 -6.35 9.89
CA TYR A 114 -8.62 -5.02 10.41
C TYR A 114 -7.30 -4.31 10.73
N MET A 115 -7.17 -3.08 10.25
CA MET A 115 -5.98 -2.28 10.53
C MET A 115 -6.29 -1.19 11.56
N LYS A 116 -5.96 -1.48 12.82
CA LYS A 116 -6.36 -0.64 13.95
C LYS A 116 -5.94 0.81 13.83
N HIS A 117 -4.74 1.06 13.31
CA HIS A 117 -4.24 2.42 13.27
C HIS A 117 -4.37 3.09 11.89
N GLY A 118 -5.16 2.48 11.01
CA GLY A 118 -5.55 3.11 9.75
C GLY A 118 -4.39 3.27 8.79
N ASP A 119 -4.49 4.23 7.86
CA ASP A 119 -3.42 4.44 6.89
C ASP A 119 -2.25 5.17 7.51
N LEU A 120 -1.07 4.93 6.95
CA LEU A 120 0.17 5.47 7.47
C LEU A 120 0.24 6.99 7.38
N ARG A 121 -0.35 7.59 6.33
CA ARG A 121 -0.30 9.05 6.20
C ARG A 121 -1.04 9.77 7.33
N ASN A 122 -2.27 9.36 7.61
CA ASN A 122 -3.02 9.95 8.71
C ASN A 122 -2.36 9.71 10.06
N PHE A 123 -1.75 8.54 10.20
CA PHE A 123 -1.06 8.19 11.45
C PHE A 123 0.07 9.17 11.80
N ILE A 124 0.98 9.41 10.87
CA ILE A 124 2.10 10.33 11.11
C ILE A 124 1.67 11.81 11.18
N ARG A 125 0.61 12.16 10.47
CA ARG A 125 0.07 13.54 10.51
C ARG A 125 -0.54 13.92 11.87
N ASN A 126 -1.08 12.93 12.57
CA ASN A 126 -1.79 13.15 13.85
C ASN A 126 -0.90 13.79 14.92
N GLU A 127 -1.24 15.02 15.29
CA GLU A 127 -0.45 15.83 16.21
C GLU A 127 -0.40 15.29 17.64
N THR A 128 -1.24 14.31 17.94
CA THR A 128 -1.20 13.64 19.24
C THR A 128 -0.22 12.47 19.24
N HIS A 129 0.24 12.04 18.06
CA HIS A 129 1.32 11.04 18.02
C HIS A 129 2.67 11.75 18.07
N ASN A 130 3.64 11.15 18.77
CA ASN A 130 4.98 11.75 18.94
C ASN A 130 6.13 10.90 18.36
N PRO A 131 6.17 10.75 17.02
CA PRO A 131 7.22 9.91 16.41
C PRO A 131 8.62 10.45 16.56
N THR A 132 9.57 9.53 16.72
CA THR A 132 10.97 9.87 16.66
C THR A 132 11.50 9.64 15.25
N VAL A 133 12.73 10.10 15.01
CA VAL A 133 13.37 9.85 13.71
C VAL A 133 13.46 8.34 13.52
N LYS A 134 13.78 7.65 14.60
CA LYS A 134 13.91 6.19 14.58
C LYS A 134 12.59 5.50 14.19
N ASP A 135 11.47 5.94 14.79
CA ASP A 135 10.12 5.41 14.45
C ASP A 135 9.80 5.56 12.97
N LEU A 136 10.04 6.75 12.45
CA LEU A 136 9.69 7.08 11.07
C LEU A 136 10.54 6.29 10.07
N ILE A 137 11.84 6.19 10.34
CA ILE A 137 12.74 5.38 9.50
C ILE A 137 12.34 3.88 9.54
N GLY A 138 11.98 3.43 10.74
CA GLY A 138 11.43 2.08 10.98
C GLY A 138 10.21 1.80 10.12
N PHE A 139 9.28 2.74 10.07
CA PHE A 139 8.12 2.63 9.16
C PHE A 139 8.56 2.46 7.68
N GLY A 140 9.53 3.28 7.26
CA GLY A 140 10.11 3.24 5.91
C GLY A 140 10.71 1.88 5.60
N LEU A 141 11.46 1.36 6.57
CA LEU A 141 12.09 0.06 6.49
C LEU A 141 11.06 -1.05 6.30
N GLN A 142 9.99 -1.03 7.10
CA GLN A 142 8.91 -1.99 6.91
C GLN A 142 8.32 -1.97 5.49
N VAL A 143 8.10 -0.76 4.96
CA VAL A 143 7.55 -0.56 3.60
C VAL A 143 8.53 -1.16 2.57
N ALA A 144 9.84 -0.95 2.78
CA ALA A 144 10.86 -1.47 1.87
C ALA A 144 10.84 -3.01 1.85
N LYS A 145 10.63 -3.61 3.03
CA LYS A 145 10.53 -5.06 3.16
C LYS A 145 9.29 -5.61 2.47
N GLY A 146 8.16 -4.91 2.63
CA GLY A 146 6.93 -5.20 1.88
C GLY A 146 7.16 -5.15 0.37
N MET A 147 7.84 -4.09 -0.09
CA MET A 147 8.10 -3.92 -1.50
C MET A 147 9.12 -4.91 -2.08
N LYS A 148 10.14 -5.26 -1.29
CA LYS A 148 11.13 -6.29 -1.65
C LYS A 148 10.37 -7.59 -1.93
N PHE A 149 9.45 -7.95 -1.04
CA PHE A 149 8.57 -9.08 -1.30
C PHE A 149 7.78 -8.96 -2.61
N LEU A 150 7.05 -7.85 -2.79
CA LEU A 150 6.22 -7.67 -3.97
C LEU A 150 7.05 -7.74 -5.27
N ALA A 151 8.20 -7.07 -5.28
CA ALA A 151 9.12 -7.12 -6.44
C ALA A 151 9.59 -8.54 -6.74
N SER A 152 9.88 -9.34 -5.71
CA SER A 152 10.25 -10.75 -5.89
C SER A 152 9.15 -11.58 -6.57
N LYS A 153 7.91 -11.11 -6.47
CA LYS A 153 6.75 -11.75 -7.11
C LYS A 153 6.48 -11.11 -8.47
N LYS A 154 7.41 -10.27 -8.93
CA LYS A 154 7.30 -9.50 -10.19
C LYS A 154 6.07 -8.61 -10.23
N PHE A 155 5.60 -8.20 -9.04
CA PHE A 155 4.40 -7.38 -8.93
C PHE A 155 4.80 -5.91 -8.84
N VAL A 156 4.30 -5.12 -9.79
CA VAL A 156 4.53 -3.70 -9.84
C VAL A 156 3.33 -3.01 -9.21
N HIS A 157 3.57 -2.30 -8.11
CA HIS A 157 2.48 -1.69 -7.35
C HIS A 157 1.73 -0.56 -8.06
N ARG A 158 2.49 0.37 -8.64
CA ARG A 158 2.00 1.54 -9.40
C ARG A 158 1.40 2.70 -8.60
N ASP A 159 1.07 2.48 -7.33
CA ASP A 159 0.50 3.54 -6.49
C ASP A 159 0.99 3.48 -5.05
N LEU A 160 2.29 3.30 -4.88
CA LEU A 160 2.89 3.30 -3.57
C LEU A 160 2.93 4.74 -3.02
N ALA A 161 2.35 4.93 -1.84
CA ALA A 161 2.28 6.23 -1.16
C ALA A 161 1.96 5.96 0.29
N ALA A 162 2.29 6.90 1.18
CA ALA A 162 2.00 6.74 2.61
C ALA A 162 0.50 6.47 2.86
N ARG A 163 -0.37 7.10 2.07
CA ARG A 163 -1.83 6.93 2.19
C ARG A 163 -2.27 5.48 1.89
N ASN A 164 -1.44 4.76 1.14
CA ASN A 164 -1.74 3.42 0.66
C ASN A 164 -1.09 2.30 1.46
N CYS A 165 -0.47 2.68 2.57
CA CYS A 165 0.05 1.71 3.54
C CYS A 165 -0.77 1.83 4.82
N MET A 166 -0.89 0.74 5.56
CA MET A 166 -1.75 0.67 6.74
C MET A 166 -0.98 0.15 7.94
N LEU A 167 -1.46 0.47 9.15
CA LEU A 167 -0.85 0.05 10.40
C LEU A 167 -1.79 -0.81 11.25
N ASP A 168 -1.31 -1.96 11.70
CA ASP A 168 -2.10 -2.79 12.61
C ASP A 168 -1.84 -2.44 14.09
N GLU A 169 -2.43 -3.21 15.01
CA GLU A 169 -2.33 -2.92 16.45
C GLU A 169 -0.90 -3.03 17.01
N LYS A 170 -0.05 -3.77 16.30
CA LYS A 170 1.35 -3.95 16.71
C LYS A 170 2.26 -2.93 16.06
N PHE A 171 1.66 -1.94 15.40
CA PHE A 171 2.37 -0.94 14.60
C PHE A 171 3.21 -1.56 13.48
N THR A 172 2.69 -2.67 12.96
CA THR A 172 3.26 -3.28 11.77
C THR A 172 2.66 -2.61 10.54
N VAL A 173 3.55 -2.09 9.70
CA VAL A 173 3.16 -1.46 8.44
C VAL A 173 2.87 -2.53 7.39
N LYS A 174 1.72 -2.41 6.74
CA LYS A 174 1.36 -3.27 5.62
C LYS A 174 1.20 -2.44 4.34
N VAL A 175 1.98 -2.76 3.31
CA VAL A 175 1.72 -2.22 1.97
C VAL A 175 0.35 -2.74 1.51
N ALA A 176 -0.52 -1.81 1.15
CA ALA A 176 -1.91 -2.16 0.84
C ALA A 176 -2.32 -1.56 -0.52
N ASP A 177 -3.62 -1.37 -0.74
CA ASP A 177 -4.11 -0.76 -1.98
C ASP A 177 -3.53 -1.43 -3.23
N PHE A 178 -3.61 -2.76 -3.26
CA PHE A 178 -3.23 -3.56 -4.43
C PHE A 178 -4.17 -4.77 -4.50
N GLY A 179 -4.19 -5.44 -5.66
CA GLY A 179 -5.07 -6.60 -5.86
C GLY A 179 -6.52 -6.27 -5.56
N LEU A 180 -7.18 -7.12 -4.79
CA LEU A 180 -8.59 -6.93 -4.46
C LEU A 180 -8.84 -5.82 -3.42
N ALA A 181 -7.75 -5.35 -2.80
CA ALA A 181 -7.79 -4.23 -1.88
C ALA A 181 -7.59 -2.88 -2.59
N ARG A 182 -7.47 -2.91 -3.91
CA ARG A 182 -7.21 -1.69 -4.70
C ARG A 182 -8.30 -0.64 -4.56
N LEU A 200 -4.30 9.97 -11.85
CA LEU A 200 -2.90 9.55 -11.81
C LEU A 200 -2.14 10.22 -10.67
N PRO A 201 -1.38 9.42 -9.88
CA PRO A 201 -0.67 9.97 -8.73
C PRO A 201 0.67 10.60 -9.14
N VAL A 202 0.59 11.64 -9.95
CA VAL A 202 1.76 12.14 -10.67
C VAL A 202 2.94 12.59 -9.79
N LYS A 203 2.65 13.06 -8.59
CA LYS A 203 3.71 13.53 -7.68
C LYS A 203 4.48 12.38 -7.02
N TRP A 204 4.01 11.14 -7.21
CA TRP A 204 4.74 9.94 -6.76
C TRP A 204 5.36 9.19 -7.93
N MET A 205 5.14 9.68 -9.16
CA MET A 205 5.57 8.96 -10.35
C MET A 205 6.96 9.33 -10.85
N ALA A 206 7.67 8.30 -11.29
CA ALA A 206 8.98 8.47 -11.92
C ALA A 206 8.85 9.24 -13.24
N LEU A 207 9.92 9.96 -13.58
CA LEU A 207 10.01 10.73 -14.82
C LEU A 207 9.60 9.92 -16.06
N GLU A 208 10.18 8.73 -16.23
CA GLU A 208 9.86 7.87 -17.37
C GLU A 208 8.40 7.38 -17.41
N SER A 209 7.76 7.22 -16.26
CA SER A 209 6.34 6.88 -16.17
C SER A 209 5.44 8.06 -16.58
N LEU A 210 5.82 9.27 -16.17
CA LEU A 210 5.08 10.49 -16.55
C LEU A 210 5.09 10.69 -18.08
N GLN A 211 6.18 10.26 -18.70
CA GLN A 211 6.42 10.43 -20.13
C GLN A 211 5.87 9.28 -20.99
N THR A 212 5.90 8.05 -20.47
CA THR A 212 5.50 6.87 -21.26
C THR A 212 4.26 6.13 -20.74
N GLN A 213 3.85 6.45 -19.51
CA GLN A 213 2.73 5.75 -18.84
C GLN A 213 3.00 4.26 -18.60
N LYS A 214 4.28 3.89 -18.59
CA LYS A 214 4.70 2.55 -18.23
C LYS A 214 5.30 2.53 -16.81
N PHE A 215 4.97 1.48 -16.07
CA PHE A 215 5.37 1.32 -14.67
C PHE A 215 6.21 0.06 -14.50
N THR A 216 7.27 0.18 -13.70
CA THR A 216 8.16 -0.94 -13.40
C THR A 216 8.45 -0.98 -11.91
N THR A 217 9.18 -2.00 -11.49
CA THR A 217 9.71 -2.02 -10.11
C THR A 217 10.60 -0.78 -9.87
N LYS A 218 11.38 -0.36 -10.86
CA LYS A 218 12.20 0.85 -10.72
C LYS A 218 11.37 2.14 -10.60
N SER A 219 10.15 2.15 -11.15
CA SER A 219 9.30 3.31 -10.91
C SER A 219 8.64 3.23 -9.52
N ASP A 220 8.40 2.02 -9.02
CA ASP A 220 7.99 1.84 -7.61
C ASP A 220 9.09 2.37 -6.63
N VAL A 221 10.36 2.14 -6.98
CA VAL A 221 11.47 2.70 -6.18
C VAL A 221 11.42 4.25 -6.11
N TRP A 222 11.16 4.90 -7.25
CA TRP A 222 10.91 6.36 -7.26
C TRP A 222 9.80 6.72 -6.26
N SER A 223 8.66 6.06 -6.36
CA SER A 223 7.54 6.32 -5.43
C SER A 223 7.94 6.10 -3.99
N PHE A 224 8.73 5.05 -3.75
CA PHE A 224 9.23 4.77 -2.41
C PHE A 224 10.07 5.93 -1.85
N GLY A 225 10.95 6.49 -2.68
CA GLY A 225 11.66 7.74 -2.36
C GLY A 225 10.72 8.84 -1.86
N VAL A 226 9.63 9.08 -2.59
CA VAL A 226 8.63 10.09 -2.21
C VAL A 226 7.96 9.71 -0.88
N LEU A 227 7.63 8.43 -0.74
CA LEU A 227 7.08 7.90 0.52
C LEU A 227 8.00 8.15 1.72
N LEU A 228 9.32 7.96 1.54
CA LEU A 228 10.28 8.31 2.60
C LEU A 228 10.24 9.79 2.96
N TRP A 229 10.13 10.65 1.94
CA TRP A 229 9.96 12.10 2.15
C TRP A 229 8.69 12.39 2.97
N GLU A 230 7.60 11.72 2.61
CA GLU A 230 6.32 11.85 3.35
C GLU A 230 6.52 11.47 4.81
N LEU A 231 7.21 10.36 5.05
CA LEU A 231 7.51 9.92 6.42
C LEU A 231 8.25 10.99 7.25
N MET A 232 9.36 11.50 6.72
CA MET A 232 10.25 12.41 7.44
C MET A 232 9.64 13.82 7.60
N THR A 233 8.66 14.16 6.76
CA THR A 233 7.88 15.38 6.93
C THR A 233 6.61 15.18 7.78
N ARG A 234 6.40 13.97 8.27
CA ARG A 234 5.14 13.61 8.95
C ARG A 234 3.89 13.92 8.09
N GLY A 235 3.92 13.52 6.83
CA GLY A 235 2.70 13.51 6.00
C GLY A 235 2.44 14.79 5.25
N ALA A 236 3.48 15.59 4.99
CA ALA A 236 3.34 16.77 4.16
C ALA A 236 3.06 16.36 2.69
N PRO A 237 2.23 17.16 1.98
CA PRO A 237 2.06 16.92 0.54
C PRO A 237 3.35 17.24 -0.22
N PRO A 238 3.81 16.34 -1.11
CA PRO A 238 5.03 16.64 -1.87
C PRO A 238 4.78 17.79 -2.85
N TYR A 239 5.79 18.60 -3.12
CA TYR A 239 5.73 19.72 -4.07
C TYR A 239 4.49 20.62 -3.87
N PRO A 240 4.33 21.20 -2.66
CA PRO A 240 3.11 21.96 -2.30
C PRO A 240 2.68 23.01 -3.33
N ASP A 241 3.58 23.93 -3.66
CA ASP A 241 3.29 25.02 -4.59
C ASP A 241 3.37 24.61 -6.07
N VAL A 242 3.36 23.30 -6.35
CA VAL A 242 3.49 22.82 -7.71
C VAL A 242 2.18 22.24 -8.24
N ASN A 243 1.80 22.75 -9.41
CA ASN A 243 0.66 22.29 -10.20
C ASN A 243 0.84 20.80 -10.59
N THR A 244 -0.17 19.99 -10.27
CA THR A 244 -0.19 18.58 -10.65
C THR A 244 0.19 18.36 -12.12
N PHE A 245 -0.50 19.09 -13.02
CA PHE A 245 -0.25 19.00 -14.46
C PHE A 245 1.18 19.41 -14.87
N ASP A 246 1.85 20.17 -14.01
CA ASP A 246 3.16 20.73 -14.33
C ASP A 246 4.38 20.01 -13.72
N ILE A 247 4.26 18.72 -13.36
CA ILE A 247 5.34 18.04 -12.62
C ILE A 247 6.53 17.63 -13.51
N THR A 248 6.26 17.20 -14.74
CA THR A 248 7.34 16.77 -15.62
C THR A 248 8.26 17.94 -15.93
N VAL A 249 7.66 19.10 -16.24
CA VAL A 249 8.45 20.30 -16.57
C VAL A 249 9.24 20.80 -15.34
N TYR A 250 8.60 20.74 -14.18
CA TYR A 250 9.27 21.09 -12.92
C TYR A 250 10.52 20.21 -12.69
N LEU A 251 10.32 18.89 -12.72
CA LEU A 251 11.42 17.93 -12.53
C LEU A 251 12.53 18.10 -13.56
N LEU A 252 12.14 18.30 -14.82
CA LEU A 252 13.11 18.49 -15.91
C LEU A 252 13.89 19.81 -15.85
N GLN A 253 13.49 20.75 -15.00
CA GLN A 253 14.34 21.90 -14.72
C GLN A 253 15.56 21.54 -13.89
N GLY A 254 15.57 20.32 -13.36
CA GLY A 254 16.66 19.83 -12.53
C GLY A 254 16.36 19.92 -11.05
N ARG A 255 15.17 19.46 -10.67
CA ARG A 255 14.68 19.67 -9.30
C ARG A 255 14.31 18.34 -8.64
N ARG A 256 14.40 18.31 -7.31
CA ARG A 256 13.90 17.19 -6.52
C ARG A 256 13.31 17.77 -5.23
N LEU A 257 12.51 16.99 -4.54
CA LEU A 257 12.04 17.35 -3.20
C LEU A 257 13.24 17.70 -2.32
N LEU A 258 13.07 18.78 -1.55
CA LEU A 258 14.07 19.25 -0.61
C LEU A 258 14.25 18.26 0.55
N GLN A 259 15.41 18.32 1.20
CA GLN A 259 15.67 17.48 2.37
C GLN A 259 14.84 17.97 3.58
N PRO A 260 13.95 17.11 4.13
CA PRO A 260 13.18 17.48 5.33
C PRO A 260 14.10 17.83 6.51
N GLU A 261 13.65 18.76 7.33
CA GLU A 261 14.41 19.20 8.49
C GLU A 261 14.93 18.06 9.37
N TYR A 262 14.11 17.04 9.57
CA TYR A 262 14.48 15.91 10.45
C TYR A 262 15.00 14.66 9.70
N CYS A 263 15.22 14.78 8.40
CA CYS A 263 15.75 13.68 7.61
C CYS A 263 17.28 13.65 7.71
N PRO A 264 17.85 12.52 8.21
CA PRO A 264 19.30 12.33 8.30
C PRO A 264 19.92 12.40 6.89
N ASP A 265 21.13 12.92 6.80
CA ASP A 265 21.80 13.05 5.51
C ASP A 265 21.82 11.76 4.69
N PRO A 266 22.22 10.61 5.31
CA PRO A 266 22.30 9.35 4.55
C PRO A 266 20.94 8.89 4.03
N LEU A 267 19.87 9.22 4.76
CA LEU A 267 18.53 8.90 4.26
C LEU A 267 18.13 9.78 3.06
N TYR A 268 18.53 11.06 3.09
CA TYR A 268 18.28 11.96 1.95
C TYR A 268 19.09 11.48 0.72
N GLU A 269 20.32 11.01 0.97
CA GLU A 269 21.12 10.44 -0.11
C GLU A 269 20.43 9.24 -0.72
N VAL A 270 19.86 8.38 0.13
CA VAL A 270 19.00 7.26 -0.35
C VAL A 270 17.82 7.74 -1.21
N MET A 271 17.13 8.80 -0.76
CA MET A 271 16.03 9.36 -1.55
C MET A 271 16.51 9.82 -2.93
N LEU A 272 17.66 10.50 -2.97
CA LEU A 272 18.22 10.95 -4.25
C LEU A 272 18.56 9.79 -5.22
N LYS A 273 19.07 8.70 -4.66
CA LYS A 273 19.26 7.45 -5.41
C LYS A 273 17.96 6.86 -5.94
N CYS A 274 16.90 6.88 -5.13
CA CYS A 274 15.56 6.45 -5.58
C CYS A 274 15.05 7.30 -6.73
N TRP A 275 15.49 8.57 -6.83
CA TRP A 275 15.02 9.41 -7.93
C TRP A 275 16.04 9.56 -9.08
N HIS A 276 16.98 8.62 -9.19
CA HIS A 276 18.00 8.67 -10.23
C HIS A 276 17.29 8.82 -11.57
N PRO A 277 17.76 9.72 -12.45
CA PRO A 277 17.14 9.88 -13.77
C PRO A 277 17.21 8.59 -14.61
N LYS A 278 18.22 7.75 -14.37
CA LYS A 278 18.31 6.46 -15.06
C LYS A 278 17.67 5.37 -14.19
N ALA A 279 16.52 4.86 -14.63
CA ALA A 279 15.79 3.83 -13.88
C ALA A 279 16.67 2.65 -13.42
N GLU A 280 17.51 2.14 -14.33
CA GLU A 280 18.37 1.00 -14.02
C GLU A 280 19.43 1.27 -12.97
N MET A 281 19.70 2.55 -12.68
CA MET A 281 20.73 2.94 -11.71
C MET A 281 20.13 3.10 -10.31
N ARG A 282 18.80 3.07 -10.20
CA ARG A 282 18.14 3.18 -8.89
C ARG A 282 18.40 1.91 -8.10
N PRO A 283 18.48 2.02 -6.76
CA PRO A 283 18.66 0.79 -5.97
C PRO A 283 17.45 -0.15 -6.06
N SER A 284 17.70 -1.45 -5.91
CA SER A 284 16.63 -2.44 -5.75
C SER A 284 16.03 -2.29 -4.35
N PHE A 285 14.86 -2.87 -4.13
CA PHE A 285 14.27 -2.89 -2.80
C PHE A 285 15.12 -3.68 -1.80
N SER A 286 15.76 -4.75 -2.28
CA SER A 286 16.71 -5.49 -1.46
C SER A 286 17.85 -4.61 -0.96
N GLU A 287 18.45 -3.80 -1.83
CA GLU A 287 19.47 -2.82 -1.42
C GLU A 287 18.89 -1.77 -0.46
N LEU A 288 17.68 -1.28 -0.75
CA LEU A 288 17.03 -0.33 0.16
C LEU A 288 16.83 -0.88 1.57
N VAL A 289 16.35 -2.12 1.68
CA VAL A 289 16.20 -2.79 2.97
C VAL A 289 17.54 -2.77 3.73
N SER A 290 18.61 -3.18 3.04
CA SER A 290 19.95 -3.25 3.61
C SER A 290 20.43 -1.86 4.11
N ARG A 291 20.42 -0.88 3.21
CA ARG A 291 20.83 0.51 3.53
C ARG A 291 20.02 1.15 4.64
N ILE A 292 18.71 1.00 4.58
CA ILE A 292 17.82 1.60 5.59
C ILE A 292 17.95 0.89 6.94
N SER A 293 18.07 -0.44 6.93
CA SER A 293 18.34 -1.19 8.19
C SER A 293 19.58 -0.63 8.94
N ALA A 294 20.64 -0.31 8.19
CA ALA A 294 21.87 0.26 8.75
C ALA A 294 21.60 1.65 9.36
N ILE A 295 20.96 2.54 8.58
CA ILE A 295 20.66 3.89 9.08
C ILE A 295 19.77 3.80 10.34
N PHE A 296 18.70 3.00 10.26
CA PHE A 296 17.78 2.75 11.36
C PHE A 296 18.52 2.34 12.64
N SER A 297 19.47 1.41 12.51
CA SER A 297 20.24 0.89 13.63
C SER A 297 21.06 1.93 14.42
N THR A 298 21.38 3.07 13.80
CA THR A 298 22.18 4.12 14.45
C THR A 298 21.42 5.01 15.41
N PHE A 299 20.09 4.95 15.36
CA PHE A 299 19.22 5.76 16.21
C PHE A 299 18.75 4.99 17.45
N ILE A 300 18.43 5.74 18.50
CA ILE A 300 18.04 5.16 19.78
C ILE A 300 16.69 5.72 20.25
N GLY A 301 16.00 6.42 19.36
CA GLY A 301 14.66 6.93 19.67
C GLY A 301 14.65 8.17 20.57
N GLU A 302 15.63 9.05 20.39
CA GLU A 302 15.77 10.27 21.20
C GLU A 302 15.50 11.58 20.42
N HIS A 303 15.36 11.50 19.10
CA HIS A 303 15.12 12.69 18.29
C HIS A 303 13.67 12.79 17.87
N TYR A 304 12.92 13.68 18.49
CA TYR A 304 11.50 13.80 18.18
C TYR A 304 11.29 14.62 16.91
N VAL A 305 10.34 14.19 16.08
CA VAL A 305 10.08 14.87 14.81
C VAL A 305 8.86 15.76 14.93
N HIS A 306 9.12 17.04 14.70
CA HIS A 306 8.12 18.09 14.77
C HIS A 306 7.72 18.55 13.37
N VAL A 307 6.59 19.23 13.29
CA VAL A 307 5.96 19.56 12.02
C VAL A 307 6.54 20.86 11.44
N ASN A 308 6.80 20.86 10.14
CA ASN A 308 7.22 22.08 9.44
C ASN A 308 6.10 23.12 9.43
N ALA A 309 6.42 24.30 9.95
CA ALA A 309 5.51 25.45 9.97
C ALA A 309 4.86 25.75 8.59
N THR A 310 5.65 25.60 7.51
CA THR A 310 5.18 25.88 6.15
C THR A 310 4.35 24.73 5.52
N TYR A 311 4.39 23.55 6.12
CA TYR A 311 3.65 22.40 5.60
C TYR A 311 2.26 22.27 6.22
CL CL B . 15.62 8.97 17.11
C7 SX8 C . -5.10 1.28 1.55
C6 SX8 C . -5.47 2.44 2.14
C1 SX8 C . -7.29 7.31 4.12
N1 SX8 C . -7.43 5.87 4.00
C5 SX8 C . -6.82 2.49 2.78
C4 SX8 C . -8.19 3.96 4.40
C3 SX8 C . -7.20 3.76 3.40
C2 SX8 C . -6.74 5.04 3.17
N2 SX8 C . -8.32 5.23 4.76
N7 SX8 C . -7.68 1.51 2.82
N6 SX8 C . -7.21 0.36 2.20
C8 SX8 C . -6.00 0.19 1.55
C9 SX8 C . -7.84 -0.87 2.06
N4 SX8 C . -7.06 -1.69 1.37
N3 SX8 C . -5.91 -1.01 1.03
S1 SX8 C . -9.44 -1.21 2.65
C10 SX8 C . -9.24 -1.35 4.40
C18 SX8 C . -9.75 -0.33 5.23
C17 SX8 C . -9.60 -0.43 6.63
C13 SX8 C . -8.95 -1.56 7.21
C12 SX8 C . -8.46 -2.57 6.37
C11 SX8 C . -8.61 -2.47 4.97
C16 SX8 C . -10.07 0.57 7.49
C15 SX8 C . -9.92 0.45 8.88
C14 SX8 C . -9.28 -0.68 9.35
N5 SX8 C . -8.81 -1.67 8.55
#